data_1ILQ
#
_entry.id   1ILQ
#
_cell.length_a   1.000
_cell.length_b   1.000
_cell.length_c   1.000
_cell.angle_alpha   90.00
_cell.angle_beta   90.00
_cell.angle_gamma   90.00
#
_symmetry.space_group_name_H-M   'P 1'
#
loop_
_entity.id
_entity.type
_entity.pdbx_description
1 polymer 'INTERLEUKIN-8 PRECURSOR'
2 polymer 'INTERLEUKIN-8 RECEPTOR A'
#
loop_
_entity_poly.entity_id
_entity_poly.type
_entity_poly.pdbx_seq_one_letter_code
_entity_poly.pdbx_strand_id
1 'polypeptide(L)' SAKELRCQCIKTYSKPFHPKFIKELRVIESGPHCANTEIIVKLSDGRELCLDPKENWVQRVVEKFLKRAENS A,B
2 'polypeptide(L)' (ACE)MWDFDD(ACA)MPPADEDYSP(NH2) C
#
loop_
_chem_comp.id
_chem_comp.type
_chem_comp.name
_chem_comp.formula
ACE non-polymer 'ACETYL GROUP' 'C2 H4 O'
NH2 non-polymer 'AMINO GROUP' 'H2 N'
#
# COMPACT_ATOMS: atom_id res chain seq x y z
N ALA A 2 -24.39 9.18 -6.79
CA ALA A 2 -24.77 8.21 -5.71
C ALA A 2 -25.75 7.17 -6.28
N LYS A 3 -25.23 6.29 -7.09
CA LYS A 3 -26.11 5.24 -7.70
C LYS A 3 -25.48 3.86 -7.53
N GLU A 4 -24.37 3.64 -8.19
CA GLU A 4 -23.70 2.32 -8.07
C GLU A 4 -22.17 2.51 -8.08
N LEU A 5 -21.52 1.99 -7.07
CA LEU A 5 -20.02 2.11 -7.00
C LEU A 5 -19.41 0.75 -6.68
N ARG A 6 -18.42 0.38 -7.44
CA ARG A 6 -17.76 -0.95 -7.20
C ARG A 6 -16.50 -0.77 -6.35
N CYS A 7 -16.14 -1.81 -5.64
CA CYS A 7 -14.90 -1.74 -4.80
C CYS A 7 -13.68 -1.50 -5.69
N GLN A 8 -12.58 -0.98 -5.13
CA GLN A 8 -11.38 -0.69 -5.92
C GLN A 8 -10.84 -1.98 -6.55
N CYS A 9 -10.69 -3.03 -5.74
CA CYS A 9 -10.33 -4.35 -6.23
C CYS A 9 -11.54 -5.03 -6.87
N ILE A 10 -11.49 -5.19 -8.20
CA ILE A 10 -12.49 -5.90 -8.98
C ILE A 10 -12.53 -7.36 -8.50
N LYS A 11 -11.35 -7.97 -8.42
CA LYS A 11 -11.13 -9.30 -7.88
C LYS A 11 -9.87 -9.26 -7.03
N THR A 12 -9.51 -10.41 -6.43
CA THR A 12 -8.30 -10.58 -5.66
C THR A 12 -7.54 -11.78 -6.20
N TYR A 13 -6.20 -11.68 -6.18
CA TYR A 13 -5.28 -12.66 -6.70
C TYR A 13 -5.01 -13.69 -5.62
N SER A 14 -5.89 -14.69 -5.53
CA SER A 14 -5.84 -15.75 -4.53
C SER A 14 -4.84 -16.84 -4.94
N LYS A 15 -3.61 -16.43 -5.29
CA LYS A 15 -2.52 -17.31 -5.69
C LYS A 15 -1.22 -16.80 -5.06
N PRO A 16 -0.51 -17.61 -4.26
CA PRO A 16 0.77 -17.24 -3.68
C PRO A 16 1.82 -16.80 -4.72
N PHE A 17 2.68 -15.86 -4.31
CA PHE A 17 3.83 -15.39 -5.08
C PHE A 17 4.77 -14.64 -4.13
N HIS A 18 5.99 -14.34 -4.57
CA HIS A 18 7.04 -13.80 -3.72
C HIS A 18 6.88 -12.28 -3.47
N PRO A 19 7.37 -11.77 -2.33
CA PRO A 19 7.38 -10.35 -2.03
C PRO A 19 8.43 -9.58 -2.82
N LYS A 20 9.40 -10.27 -3.43
CA LYS A 20 10.50 -9.67 -4.18
C LYS A 20 10.03 -8.69 -5.26
N PHE A 21 8.86 -8.97 -5.84
CA PHE A 21 8.27 -8.19 -6.93
C PHE A 21 7.60 -6.90 -6.46
N ILE A 22 7.52 -6.64 -5.14
CA ILE A 22 6.71 -5.51 -4.62
C ILE A 22 7.60 -4.32 -4.28
N LYS A 23 7.24 -3.17 -4.82
CA LYS A 23 8.02 -1.94 -4.55
C LYS A 23 7.11 -0.90 -3.89
N GLU A 24 5.84 -1.00 -4.14
CA GLU A 24 4.88 -0.02 -3.53
C GLU A 24 3.63 -0.74 -2.98
N LEU A 25 3.25 -0.39 -1.78
CA LEU A 25 2.05 -1.02 -1.17
C LEU A 25 0.89 -0.02 -1.10
N ARG A 26 -0.30 -0.52 -1.20
CA ARG A 26 -1.49 0.39 -1.14
C ARG A 26 -2.64 -0.28 -0.40
N VAL A 27 -3.11 0.37 0.65
CA VAL A 27 -4.25 -0.21 1.44
C VAL A 27 -5.41 0.78 1.48
N ILE A 28 -6.57 0.34 1.02
CA ILE A 28 -7.76 1.23 1.02
C ILE A 28 -8.85 0.66 1.93
N GLU A 29 -9.20 1.41 2.94
CA GLU A 29 -10.26 0.93 3.89
C GLU A 29 -11.65 1.13 3.26
N SER A 30 -12.63 0.48 3.85
CA SER A 30 -14.03 0.61 3.32
C SER A 30 -14.31 2.06 2.94
N GLY A 31 -14.70 2.27 1.70
CA GLY A 31 -15.01 3.65 1.23
C GLY A 31 -16.44 3.71 0.69
N PRO A 32 -16.79 4.85 0.10
CA PRO A 32 -18.13 5.04 -0.45
C PRO A 32 -18.37 4.08 -1.62
N HIS A 33 -17.36 3.30 -1.90
CA HIS A 33 -17.46 2.31 -3.03
C HIS A 33 -17.26 0.89 -2.49
N CYS A 34 -16.66 0.81 -1.33
CA CYS A 34 -16.42 -0.54 -0.73
C CYS A 34 -16.73 -0.50 0.77
N ALA A 35 -17.48 -1.47 1.23
CA ALA A 35 -17.85 -1.52 2.66
C ALA A 35 -16.91 -2.47 3.42
N ASN A 36 -15.74 -2.68 2.88
CA ASN A 36 -14.77 -3.61 3.55
C ASN A 36 -13.36 -3.04 3.46
N THR A 37 -12.41 -3.93 3.42
CA THR A 37 -10.98 -3.50 3.32
C THR A 37 -10.29 -4.26 2.18
N GLU A 38 -9.44 -3.57 1.46
CA GLU A 38 -8.72 -4.23 0.33
C GLU A 38 -7.25 -3.80 0.32
N ILE A 39 -6.38 -4.81 0.23
CA ILE A 39 -4.94 -4.65 0.04
C ILE A 39 -4.67 -4.66 -1.46
N ILE A 40 -3.85 -3.71 -1.90
CA ILE A 40 -3.43 -3.44 -3.26
C ILE A 40 -1.91 -3.34 -3.25
N VAL A 41 -1.27 -3.63 -4.39
CA VAL A 41 0.17 -3.61 -4.50
C VAL A 41 0.58 -3.33 -5.94
N LYS A 42 1.66 -2.57 -6.12
CA LYS A 42 2.25 -2.29 -7.42
C LYS A 42 3.11 -3.48 -7.83
N LEU A 43 2.87 -3.99 -9.04
CA LEU A 43 3.58 -5.12 -9.59
C LEU A 43 4.73 -4.60 -10.43
N SER A 44 5.96 -5.07 -10.16
CA SER A 44 7.17 -4.65 -10.85
C SER A 44 7.16 -4.99 -12.35
N ASP A 45 6.31 -5.92 -12.77
CA ASP A 45 6.06 -6.22 -14.18
C ASP A 45 5.60 -4.96 -14.92
N GLY A 46 4.84 -4.08 -14.24
CA GLY A 46 4.38 -2.81 -14.78
C GLY A 46 3.00 -2.43 -14.23
N ARG A 47 2.14 -3.44 -14.02
CA ARG A 47 0.74 -3.27 -13.66
C ARG A 47 0.56 -3.08 -12.16
N GLU A 48 -0.68 -3.30 -11.69
CA GLU A 48 -1.07 -3.36 -10.29
C GLU A 48 -1.71 -4.71 -10.04
N LEU A 49 -1.89 -5.03 -8.76
CA LEU A 49 -2.36 -6.33 -8.31
C LEU A 49 -3.10 -6.14 -6.97
N CYS A 50 -4.17 -6.90 -6.76
CA CYS A 50 -5.02 -6.83 -5.57
C CYS A 50 -4.90 -8.13 -4.80
N LEU A 51 -4.60 -8.07 -3.50
CA LEU A 51 -4.42 -9.30 -2.66
C LEU A 51 -5.61 -9.46 -1.71
N ASP A 52 -5.82 -10.68 -1.28
CA ASP A 52 -6.95 -10.95 -0.34
C ASP A 52 -6.40 -11.21 1.09
N PRO A 53 -6.60 -10.29 2.04
CA PRO A 53 -6.09 -10.49 3.40
C PRO A 53 -6.67 -11.77 4.00
N LYS A 54 -7.54 -12.42 3.25
CA LYS A 54 -8.14 -13.66 3.75
C LYS A 54 -7.15 -14.83 3.63
N GLU A 55 -6.07 -14.60 2.93
CA GLU A 55 -5.05 -15.68 2.76
C GLU A 55 -3.86 -15.44 3.70
N ASN A 56 -3.40 -16.51 4.30
CA ASN A 56 -2.26 -16.36 5.24
C ASN A 56 -0.98 -15.92 4.51
N TRP A 57 -0.75 -16.47 3.35
CA TRP A 57 0.49 -16.08 2.61
C TRP A 57 0.46 -14.59 2.27
N VAL A 58 -0.70 -14.01 2.24
CA VAL A 58 -0.78 -12.56 1.92
C VAL A 58 -0.32 -11.75 3.13
N GLN A 59 -0.71 -12.19 4.29
CA GLN A 59 -0.30 -11.47 5.52
C GLN A 59 1.21 -11.62 5.72
N ARG A 60 1.77 -12.63 5.09
CA ARG A 60 3.24 -12.85 5.25
C ARG A 60 4.05 -12.04 4.24
N VAL A 61 3.80 -12.27 2.97
CA VAL A 61 4.58 -11.51 1.94
C VAL A 61 4.38 -10.01 2.16
N VAL A 62 3.22 -9.65 2.64
CA VAL A 62 2.97 -8.20 2.91
C VAL A 62 3.71 -7.79 4.18
N GLU A 63 3.69 -8.65 5.16
CA GLU A 63 4.40 -8.32 6.44
C GLU A 63 5.88 -8.11 6.16
N LYS A 64 6.44 -8.95 5.31
CA LYS A 64 7.88 -8.80 5.00
C LYS A 64 8.14 -7.45 4.33
N PHE A 65 7.25 -7.06 3.45
CA PHE A 65 7.45 -5.74 2.78
C PHE A 65 7.58 -4.64 3.81
N LEU A 66 6.73 -4.67 4.81
CA LEU A 66 6.79 -3.62 5.87
C LEU A 66 8.09 -3.74 6.66
N LYS A 67 8.44 -4.95 7.00
CA LYS A 67 9.70 -5.16 7.78
C LYS A 67 10.92 -4.82 6.92
N ARG A 68 10.75 -4.93 5.63
CA ARG A 68 11.89 -4.62 4.71
C ARG A 68 11.97 -3.11 4.46
N ALA A 69 10.84 -2.50 4.21
CA ALA A 69 10.85 -1.03 3.96
C ALA A 69 11.17 -0.28 5.26
N GLU A 70 10.93 -0.92 6.37
CA GLU A 70 11.23 -0.25 7.67
C GLU A 70 12.72 -0.42 8.02
N ASN A 71 13.24 -1.59 7.79
CA ASN A 71 14.67 -1.83 8.09
C ASN A 71 15.56 -1.05 7.12
N SER A 72 15.04 -0.81 5.94
CA SER A 72 15.84 -0.05 4.93
C SER A 72 16.23 1.32 5.48
N ALA B 2 18.10 9.22 -16.49
CA ALA B 2 18.98 8.87 -15.34
C ALA B 2 19.90 10.05 -15.03
N LYS B 3 19.33 11.08 -14.45
CA LYS B 3 20.16 12.28 -14.10
C LYS B 3 19.89 12.70 -12.65
N GLU B 4 18.70 13.14 -12.38
CA GLU B 4 18.36 13.56 -10.99
C GLU B 4 16.91 13.20 -10.66
N LEU B 5 16.74 12.47 -9.59
CA LEU B 5 15.35 12.06 -9.17
C LEU B 5 15.15 12.33 -7.68
N ARG B 6 14.05 12.96 -7.37
CA ARG B 6 13.78 13.29 -5.93
C ARG B 6 12.86 12.24 -5.31
N CYS B 7 12.95 12.09 -4.02
CA CYS B 7 12.08 11.10 -3.32
C CYS B 7 10.61 11.49 -3.50
N GLN B 8 9.74 10.53 -3.38
CA GLN B 8 8.29 10.86 -3.53
C GLN B 8 7.86 11.82 -2.41
N CYS B 9 8.55 11.73 -1.30
CA CYS B 9 8.21 12.62 -0.14
C CYS B 9 9.44 13.45 0.26
N ILE B 10 9.36 14.74 0.01
CA ILE B 10 10.51 15.62 0.38
C ILE B 10 10.31 16.18 1.79
N LYS B 11 9.06 16.43 2.13
CA LYS B 11 8.76 16.97 3.49
C LYS B 11 7.85 15.98 4.25
N THR B 12 7.60 16.29 5.50
CA THR B 12 6.73 15.39 6.31
C THR B 12 5.73 16.21 7.14
N TYR B 13 4.90 15.53 7.88
CA TYR B 13 3.88 16.24 8.71
C TYR B 13 4.35 16.28 10.18
N SER B 14 4.50 17.48 10.69
CA SER B 14 4.96 17.62 12.12
C SER B 14 3.76 17.89 13.03
N LYS B 15 2.66 17.24 12.74
CA LYS B 15 1.44 17.44 13.59
C LYS B 15 0.67 16.09 13.72
N PRO B 16 0.80 15.40 14.86
CA PRO B 16 0.11 14.11 15.04
C PRO B 16 -1.41 14.24 14.88
N PHE B 17 -2.00 13.25 14.28
CA PHE B 17 -3.49 13.29 14.07
C PHE B 17 -4.10 11.91 14.35
N HIS B 18 -5.34 11.75 13.96
CA HIS B 18 -6.05 10.45 14.20
C HIS B 18 -6.40 9.78 12.84
N PRO B 19 -6.30 8.45 12.74
CA PRO B 19 -6.62 7.75 11.48
C PRO B 19 -8.06 8.08 11.02
N LYS B 20 -8.82 8.68 11.90
CA LYS B 20 -10.23 9.05 11.52
C LYS B 20 -10.23 9.83 10.21
N PHE B 21 -9.17 10.56 9.99
CA PHE B 21 -9.09 11.37 8.73
C PHE B 21 -8.40 10.57 7.62
N ILE B 22 -7.84 9.46 7.99
CA ILE B 22 -7.13 8.61 6.97
C ILE B 22 -8.09 7.56 6.39
N LYS B 23 -8.14 7.52 5.09
CA LYS B 23 -9.02 6.53 4.41
C LYS B 23 -8.17 5.63 3.51
N GLU B 24 -7.04 6.14 3.08
CA GLU B 24 -6.15 5.33 2.19
C GLU B 24 -4.69 5.46 2.63
N LEU B 25 -4.00 4.35 2.71
CA LEU B 25 -2.57 4.37 3.11
C LEU B 25 -1.67 4.05 1.92
N ARG B 26 -0.50 4.60 1.90
CA ARG B 26 0.44 4.33 0.77
C ARG B 26 1.88 4.26 1.27
N VAL B 27 2.52 3.15 1.01
CA VAL B 27 3.95 2.98 1.46
C VAL B 27 4.85 2.69 0.26
N ILE B 28 5.85 3.52 0.07
CA ILE B 28 6.78 3.31 -1.07
C ILE B 28 8.21 3.03 -0.56
N GLU B 29 8.71 1.87 -0.89
CA GLU B 29 10.09 1.52 -0.43
C GLU B 29 11.13 2.21 -1.30
N SER B 30 12.36 2.23 -0.83
CA SER B 30 13.45 2.88 -1.62
C SER B 30 13.30 2.54 -3.11
N GLY B 31 13.22 3.57 -3.92
CA GLY B 31 13.09 3.34 -5.39
C GLY B 31 14.23 4.04 -6.14
N PRO B 32 14.14 4.05 -7.46
CA PRO B 32 15.17 4.68 -8.30
C PRO B 32 15.19 6.19 -8.04
N HIS B 33 14.32 6.63 -7.17
CA HIS B 33 14.23 8.08 -6.84
C HIS B 33 14.51 8.29 -5.35
N CYS B 34 14.34 7.23 -4.60
CA CYS B 34 14.57 7.34 -3.12
C CYS B 34 15.34 6.12 -2.63
N ALA B 35 16.38 6.36 -1.86
CA ALA B 35 17.19 5.23 -1.34
C ALA B 35 16.76 4.88 0.09
N ASN B 36 15.54 5.22 0.42
CA ASN B 36 15.03 4.92 1.80
C ASN B 36 13.58 4.45 1.75
N THR B 37 12.87 4.74 2.79
CA THR B 37 11.43 4.33 2.86
C THR B 37 10.56 5.52 3.25
N GLU B 38 9.42 5.64 2.63
CA GLU B 38 8.51 6.78 2.96
C GLU B 38 7.06 6.29 3.06
N ILE B 39 6.41 6.65 4.13
CA ILE B 39 4.99 6.22 4.32
C ILE B 39 4.03 7.34 3.92
N ILE B 40 3.46 7.22 2.75
CA ILE B 40 2.50 8.27 2.29
C ILE B 40 1.08 7.92 2.74
N VAL B 41 0.22 8.90 2.75
CA VAL B 41 -1.18 8.63 3.18
C VAL B 41 -2.15 9.56 2.45
N LYS B 42 -3.42 9.18 2.43
CA LYS B 42 -4.44 10.02 1.74
C LYS B 42 -5.64 10.29 2.66
N LEU B 43 -6.01 11.54 2.75
CA LEU B 43 -7.16 11.90 3.63
C LEU B 43 -8.47 11.92 2.82
N SER B 44 -9.54 11.52 3.47
CA SER B 44 -10.87 11.49 2.78
C SER B 44 -11.14 12.81 2.05
N ASP B 45 -10.67 13.90 2.61
CA ASP B 45 -10.92 15.22 1.96
C ASP B 45 -10.34 15.23 0.54
N GLY B 46 -9.65 14.19 0.20
CA GLY B 46 -9.05 14.12 -1.17
C GLY B 46 -7.66 14.74 -1.17
N ARG B 47 -7.01 14.69 -0.04
CA ARG B 47 -5.64 15.29 0.06
C ARG B 47 -4.59 14.19 0.27
N GLU B 48 -3.35 14.54 0.05
CA GLU B 48 -2.25 13.53 0.24
C GLU B 48 -1.07 14.18 0.95
N LEU B 49 -0.62 13.55 2.00
CA LEU B 49 0.54 14.09 2.77
C LEU B 49 1.60 13.01 2.95
N CYS B 50 2.63 13.34 3.69
CA CYS B 50 3.73 12.35 3.92
C CYS B 50 4.10 12.31 5.41
N LEU B 51 4.19 11.12 5.94
CA LEU B 51 4.54 10.98 7.38
C LEU B 51 5.98 10.50 7.55
N ASP B 52 6.54 10.77 8.69
CA ASP B 52 7.95 10.33 8.94
C ASP B 52 7.95 9.14 9.94
N PRO B 53 8.28 7.92 9.49
CA PRO B 53 8.29 6.76 10.40
C PRO B 53 9.28 7.00 11.55
N LYS B 54 9.95 8.11 11.51
CA LYS B 54 10.92 8.44 12.57
C LYS B 54 10.19 8.91 13.83
N GLU B 55 8.91 9.19 13.69
CA GLU B 55 8.13 9.67 14.87
C GLU B 55 7.29 8.53 15.45
N ASN B 56 7.25 8.45 16.75
CA ASN B 56 6.47 7.35 17.40
C ASN B 56 4.97 7.51 17.14
N TRP B 57 4.48 8.72 17.18
CA TRP B 57 3.02 8.92 16.95
C TRP B 57 2.64 8.47 15.54
N VAL B 58 3.61 8.43 14.65
CA VAL B 58 3.29 8.00 13.26
C VAL B 58 3.10 6.49 13.23
N GLN B 59 3.93 5.81 13.96
CA GLN B 59 3.81 4.33 14.00
C GLN B 59 2.51 3.94 14.71
N ARG B 60 1.98 4.85 15.48
CA ARG B 60 0.72 4.55 16.22
C ARG B 60 -0.52 4.85 15.36
N VAL B 61 -0.66 6.08 14.95
CA VAL B 61 -1.85 6.43 14.12
C VAL B 61 -1.90 5.53 12.88
N VAL B 62 -0.74 5.18 12.40
CA VAL B 62 -0.70 4.29 11.20
C VAL B 62 -1.05 2.86 11.63
N GLU B 63 -0.54 2.46 12.75
CA GLU B 63 -0.85 1.08 13.24
C GLU B 63 -2.36 0.93 13.44
N LYS B 64 -2.98 1.95 13.97
CA LYS B 64 -4.44 1.86 14.18
C LYS B 64 -5.17 1.71 12.84
N PHE B 65 -4.72 2.44 11.86
CA PHE B 65 -5.37 2.32 10.52
C PHE B 65 -5.37 0.86 10.06
N LEU B 66 -4.25 0.20 10.23
CA LEU B 66 -4.17 -1.22 9.80
C LEU B 66 -5.08 -2.09 10.67
N LYS B 67 -5.06 -1.85 11.94
CA LYS B 67 -5.93 -2.65 12.85
C LYS B 67 -7.41 -2.32 12.60
N ARG B 68 -7.66 -1.14 12.11
CA ARG B 68 -9.06 -0.74 11.83
C ARG B 68 -9.52 -1.30 10.47
N ALA B 69 -8.68 -1.17 9.49
CA ALA B 69 -9.04 -1.68 8.14
C ALA B 69 -9.07 -3.22 8.15
N GLU B 70 -8.36 -3.79 9.07
CA GLU B 70 -8.34 -5.28 9.16
C GLU B 70 -9.57 -5.78 9.92
N ASN B 71 -9.90 -5.11 10.98
CA ASN B 71 -11.08 -5.53 11.78
C ASN B 71 -12.38 -5.26 11.01
N SER B 72 -12.32 -4.28 10.14
CA SER B 72 -13.54 -3.96 9.34
C SER B 72 -13.99 -5.18 8.53
C ACE C 1 7.57 -7.43 -18.27
O ACE C 1 7.88 -7.73 -17.12
CH3 ACE C 1 7.73 -6.00 -18.76
H1 ACE C 1 8.37 -5.97 -19.65
H2 ACE C 1 6.75 -5.58 -18.99
H3 ACE C 1 8.19 -5.39 -17.98
N MET C 2 7.10 -8.31 -19.18
CA MET C 2 6.81 -9.72 -18.89
C MET C 2 8.01 -10.44 -18.24
N TRP C 3 9.22 -10.12 -18.72
CA TRP C 3 10.48 -10.70 -18.30
C TRP C 3 10.81 -10.44 -16.82
N ASP C 4 10.07 -9.54 -16.16
CA ASP C 4 10.20 -9.25 -14.74
C ASP C 4 10.10 -10.49 -13.86
N PHE C 5 9.32 -11.50 -14.27
CA PHE C 5 9.06 -12.71 -13.52
C PHE C 5 10.32 -13.56 -13.36
N ASP C 6 10.12 -14.73 -12.76
CA ASP C 6 11.13 -15.76 -12.54
C ASP C 6 10.46 -17.11 -12.74
N ASP C 7 11.17 -18.04 -13.40
CA ASP C 7 10.72 -19.41 -13.62
C ASP C 7 10.92 -20.21 -12.33
C ACA C 8 7.64 -15.91 -9.00
O ACA C 8 8.45 -15.16 -9.56
C2 ACA C 8 8.01 -16.61 -7.70
C3 ACA C 8 8.03 -18.13 -7.86
C4 ACA C 8 9.12 -18.57 -8.84
C5 ACA C 8 9.06 -20.07 -9.09
C6 ACA C 8 10.19 -20.55 -10.01
N ACA C 8 10.11 -19.92 -11.32
H2 ACA C 8 9.42 -19.19 -11.45
H21 ACA C 8 7.27 -16.34 -6.93
H22 ACA C 8 8.99 -16.26 -7.38
H31 ACA C 8 7.06 -18.48 -8.20
H32 ACA C 8 8.24 -18.58 -6.89
H41 ACA C 8 10.10 -18.30 -8.43
H42 ACA C 8 8.99 -18.04 -9.79
H51 ACA C 8 8.10 -20.33 -9.54
H52 ACA C 8 9.15 -20.59 -8.14
H61 ACA C 8 11.15 -20.30 -9.55
H62 ACA C 8 10.12 -21.63 -10.12
N MET C 9 6.41 -16.15 -9.49
CA MET C 9 5.91 -15.66 -10.75
C MET C 9 4.57 -14.95 -10.54
N PRO C 10 4.50 -13.62 -10.76
CA PRO C 10 3.26 -12.85 -10.77
C PRO C 10 2.23 -13.35 -11.79
N PRO C 11 1.07 -12.70 -11.90
CA PRO C 11 -0.07 -13.16 -12.69
C PRO C 11 0.21 -13.47 -14.16
N ALA C 12 -0.43 -14.54 -14.64
CA ALA C 12 -0.53 -14.93 -16.03
C ALA C 12 -1.96 -14.67 -16.50
N ASP C 13 -2.60 -13.68 -15.87
CA ASP C 13 -3.98 -13.22 -16.02
C ASP C 13 -3.97 -11.78 -15.53
N GLU C 14 -4.94 -10.95 -15.92
CA GLU C 14 -4.95 -9.57 -15.46
C GLU C 14 -6.31 -8.89 -15.63
N ASP C 15 -7.03 -8.78 -14.51
CA ASP C 15 -8.25 -8.01 -14.36
C ASP C 15 -8.25 -7.49 -12.92
N TYR C 16 -7.10 -6.92 -12.52
CA TYR C 16 -6.79 -6.51 -11.16
C TYR C 16 -6.26 -5.06 -11.21
N SER C 17 -7.00 -4.19 -11.91
CA SER C 17 -6.59 -2.83 -12.22
C SER C 17 -7.46 -1.80 -11.48
N PRO C 18 -7.16 -1.51 -10.19
CA PRO C 18 -7.89 -0.53 -9.41
C PRO C 18 -7.57 0.89 -9.89
N NH2 C 19 -8.44 1.85 -9.54
HN1 NH2 C 19 -8.27 2.79 -9.86
HN2 NH2 C 19 -9.25 1.64 -8.98
#